data_1KN1
#
_entry.id   1KN1
#
_cell.length_a   105.300
_cell.length_b   105.300
_cell.length_c   189.400
_cell.angle_alpha   90.00
_cell.angle_beta   90.00
_cell.angle_gamma   120.00
#
_symmetry.space_group_name_H-M   'H 3 2'
#
loop_
_entity.id
_entity.type
_entity.pdbx_description
1 polymer Allophycocyanin
2 polymer Allophycocyanin
3 non-polymer PHYCOCYANOBILIN
4 water water
#
loop_
_entity_poly.entity_id
_entity_poly.type
_entity_poly.pdbx_seq_one_letter_code
_entity_poly.pdbx_strand_id
1 'polypeptide(L)'
;SIVTKSIVNADAEARYLSPGELDRIKSFVLSGARRVRIAQTLTENRERIVKQAGDQLFQKRPDVVSPGGNAYGEEMTATC
LRDLDYYLRLVTYGIVSGDVTPIEEIGLVGVREMYKSLGTPISAVAEGVKCMKSVASSLLSGEDSAEAGFYFDYVVGAMQ
;
A
2 'polypeptide(L)'
;MQDAITSVINSSDVQGKYLDSSAIEKLKGYFQTGELRVRAATTIAANAANIIKEAVAKSLLYSDITRPGGNMYTTRRYAA
CIRDLDYYLRYATYAMLAGDPSILDERVLNGLKETYNSLGVPIGATIQAIQAMKEVTSGLVGPDAGKEMGLYFDYICSGL
S
;
B
#
# COMPACT_ATOMS: atom_id res chain seq x y z
N SER A 1 -2.81 -1.85 0.90
CA SER A 1 -3.48 -2.30 -0.32
C SER A 1 -2.96 -3.62 -0.84
N ILE A 2 -3.61 -4.30 -1.81
CA ILE A 2 -3.05 -5.55 -2.33
C ILE A 2 -1.86 -5.32 -3.28
N VAL A 3 -1.58 -4.11 -3.74
CA VAL A 3 -0.39 -3.75 -4.48
C VAL A 3 0.79 -3.86 -3.51
N THR A 4 0.73 -3.20 -2.35
CA THR A 4 1.76 -3.28 -1.31
C THR A 4 2.07 -4.69 -0.89
N LYS A 5 1.01 -5.47 -0.75
CA LYS A 5 1.10 -6.85 -0.32
C LYS A 5 1.75 -7.74 -1.37
N SER A 6 1.57 -7.45 -2.66
CA SER A 6 2.16 -8.25 -3.69
C SER A 6 3.60 -7.89 -3.93
N ILE A 7 3.95 -6.63 -3.73
CA ILE A 7 5.32 -6.18 -3.81
C ILE A 7 6.12 -6.75 -2.64
N VAL A 8 5.56 -6.71 -1.42
CA VAL A 8 6.26 -7.16 -0.23
C VAL A 8 6.56 -8.64 -0.34
N ASN A 9 5.59 -9.45 -0.78
CA ASN A 9 5.79 -10.89 -0.92
C ASN A 9 6.82 -11.17 -2.01
N ALA A 10 6.92 -10.46 -3.16
CA ALA A 10 7.90 -10.76 -4.23
C ALA A 10 9.30 -10.36 -3.83
N ASP A 11 9.44 -9.24 -3.17
CA ASP A 11 10.66 -8.72 -2.59
C ASP A 11 11.30 -9.66 -1.56
N ALA A 12 10.47 -10.29 -0.76
CA ALA A 12 10.84 -11.28 0.23
C ALA A 12 11.47 -12.51 -0.42
N GLU A 13 10.92 -12.90 -1.56
CA GLU A 13 11.46 -14.00 -2.37
C GLU A 13 12.40 -13.47 -3.48
N ALA A 14 12.79 -12.21 -3.34
CA ALA A 14 13.76 -11.50 -4.25
C ALA A 14 13.49 -11.73 -5.74
N ARG A 15 12.24 -11.54 -6.12
CA ARG A 15 11.83 -11.73 -7.51
C ARG A 15 10.93 -10.59 -8.02
N TYR A 16 10.62 -10.75 -9.31
CA TYR A 16 9.60 -9.97 -10.00
C TYR A 16 8.30 -10.67 -9.71
N LEU A 17 7.19 -9.95 -9.93
CA LEU A 17 5.89 -10.55 -9.71
C LEU A 17 5.53 -11.67 -10.66
N SER A 18 4.78 -12.63 -10.10
CA SER A 18 4.24 -13.78 -10.80
C SER A 18 3.14 -13.36 -11.79
N PRO A 19 2.71 -14.19 -12.73
CA PRO A 19 1.44 -14.09 -13.50
C PRO A 19 0.18 -13.89 -12.65
N GLY A 20 -0.03 -14.78 -11.69
CA GLY A 20 -1.14 -14.73 -10.75
C GLY A 20 -1.14 -13.46 -9.93
N GLU A 21 0.02 -12.84 -9.66
CA GLU A 21 0.11 -11.57 -8.92
C GLU A 21 -0.16 -10.35 -9.84
N LEU A 22 0.30 -10.34 -11.10
CA LEU A 22 -0.05 -9.26 -12.00
C LEU A 22 -1.54 -9.30 -12.39
N ASP A 23 -2.15 -10.48 -12.47
CA ASP A 23 -3.59 -10.60 -12.70
C ASP A 23 -4.35 -10.06 -11.50
N ARG A 24 -3.89 -10.23 -10.26
CA ARG A 24 -4.54 -9.78 -9.04
C ARG A 24 -4.55 -8.27 -8.85
N ILE A 25 -3.54 -7.56 -9.34
CA ILE A 25 -3.49 -6.10 -9.31
C ILE A 25 -4.38 -5.56 -10.43
N LYS A 26 -4.45 -6.23 -11.59
CA LYS A 26 -5.32 -5.83 -12.68
C LYS A 26 -6.76 -5.96 -12.19
N SER A 27 -7.23 -7.11 -11.67
CA SER A 27 -8.59 -7.32 -11.15
C SER A 27 -8.95 -6.26 -10.14
N PHE A 28 -7.96 -5.84 -9.34
CA PHE A 28 -8.16 -4.83 -8.32
C PHE A 28 -8.28 -3.41 -8.89
N VAL A 29 -7.47 -2.94 -9.87
CA VAL A 29 -7.58 -1.56 -10.31
C VAL A 29 -8.83 -1.42 -11.13
N LEU A 30 -9.33 -2.46 -11.74
CA LEU A 30 -10.57 -2.42 -12.51
C LEU A 30 -11.84 -2.58 -11.69
N SER A 31 -11.67 -2.93 -10.41
CA SER A 31 -12.76 -2.97 -9.45
C SER A 31 -12.73 -1.66 -8.67
N GLY A 32 -11.70 -0.87 -8.81
CA GLY A 32 -11.47 0.37 -8.08
C GLY A 32 -12.61 1.35 -8.05
N ALA A 33 -13.36 1.45 -9.14
CA ALA A 33 -14.51 2.33 -9.18
C ALA A 33 -15.71 1.81 -8.35
N ARG A 34 -15.94 0.49 -8.33
CA ARG A 34 -16.95 -0.17 -7.55
C ARG A 34 -16.69 0.14 -6.08
N ARG A 35 -15.41 0.15 -5.72
CA ARG A 35 -14.94 0.42 -4.38
C ARG A 35 -15.18 1.83 -3.94
N VAL A 36 -14.79 2.74 -4.81
CA VAL A 36 -14.87 4.16 -4.51
C VAL A 36 -16.34 4.63 -4.38
N ARG A 37 -17.30 3.90 -4.94
CA ARG A 37 -18.72 4.17 -4.89
C ARG A 37 -19.25 3.58 -3.61
N ILE A 38 -18.89 2.36 -3.19
CA ILE A 38 -19.35 1.78 -1.92
C ILE A 38 -18.92 2.65 -0.74
N ALA A 39 -17.68 3.12 -0.76
CA ALA A 39 -17.10 4.00 0.24
C ALA A 39 -17.82 5.35 0.39
N GLN A 40 -18.23 5.89 -0.77
CA GLN A 40 -18.85 7.18 -0.97
C GLN A 40 -20.21 7.09 -0.36
N THR A 41 -20.96 6.03 -0.67
CA THR A 41 -22.29 5.77 -0.08
C THR A 41 -22.14 5.71 1.44
N LEU A 42 -21.20 4.96 1.99
CA LEU A 42 -21.00 4.87 3.42
C LEU A 42 -20.54 6.20 3.99
N THR A 43 -19.69 7.01 3.38
CA THR A 43 -19.26 8.28 3.93
C THR A 43 -20.41 9.25 3.97
N GLU A 44 -21.29 9.19 2.98
CA GLU A 44 -22.42 10.10 2.90
C GLU A 44 -23.44 9.75 3.97
N ASN A 45 -23.75 8.48 4.17
CA ASN A 45 -24.72 8.10 5.18
C ASN A 45 -24.09 7.87 6.54
N ARG A 46 -23.07 8.68 6.86
CA ARG A 46 -22.23 8.52 8.04
C ARG A 46 -23.06 8.63 9.32
N GLU A 47 -23.67 9.84 9.50
CA GLU A 47 -24.49 10.17 10.67
C GLU A 47 -25.58 9.12 10.91
N ARG A 48 -26.17 8.60 9.83
CA ARG A 48 -27.25 7.64 9.88
C ARG A 48 -26.75 6.27 10.32
N ILE A 49 -25.68 5.74 9.70
CA ILE A 49 -25.16 4.41 10.00
C ILE A 49 -24.71 4.36 11.46
N VAL A 50 -24.10 5.43 11.99
CA VAL A 50 -23.69 5.47 13.39
C VAL A 50 -24.87 5.61 14.38
N LYS A 51 -25.74 6.66 14.30
CA LYS A 51 -26.86 6.88 15.23
C LYS A 51 -27.86 5.76 15.27
N GLN A 52 -28.18 5.20 14.12
CA GLN A 52 -29.15 4.12 14.04
C GLN A 52 -28.61 2.81 14.58
N ALA A 53 -27.30 2.62 14.48
CA ALA A 53 -26.65 1.42 15.02
C ALA A 53 -26.43 1.48 16.52
N GLY A 54 -26.11 2.67 17.02
CA GLY A 54 -25.99 2.95 18.45
C GLY A 54 -27.36 2.76 19.09
N ASP A 55 -28.46 3.26 18.47
CA ASP A 55 -29.83 3.13 18.97
C ASP A 55 -30.18 1.65 19.05
N GLN A 56 -29.70 0.91 18.08
CA GLN A 56 -29.91 -0.52 18.05
C GLN A 56 -29.08 -1.27 19.07
N LEU A 57 -27.87 -0.78 19.44
CA LEU A 57 -26.94 -1.40 20.41
C LEU A 57 -27.55 -1.50 21.82
N PHE A 58 -28.06 -0.35 22.24
CA PHE A 58 -28.73 -0.13 23.51
C PHE A 58 -30.02 -0.95 23.59
N GLN A 59 -30.38 -1.74 22.58
CA GLN A 59 -31.57 -2.57 22.61
C GLN A 59 -31.24 -4.04 22.51
N LYS A 60 -29.97 -4.37 22.33
CA LYS A 60 -29.55 -5.76 22.31
C LYS A 60 -28.60 -5.97 23.49
N ARG A 61 -27.74 -4.98 23.77
CA ARG A 61 -26.95 -4.97 24.99
C ARG A 61 -27.40 -3.73 25.73
N PRO A 62 -28.44 -3.84 26.58
CA PRO A 62 -28.94 -2.72 27.38
C PRO A 62 -28.16 -2.46 28.67
N ASP A 63 -27.43 -3.49 29.13
CA ASP A 63 -26.59 -3.48 30.33
C ASP A 63 -25.56 -2.39 30.38
N VAL A 64 -25.08 -1.97 29.22
CA VAL A 64 -24.08 -0.92 29.09
C VAL A 64 -24.61 0.50 29.04
N VAL A 65 -25.92 0.74 29.28
CA VAL A 65 -26.51 2.08 29.13
C VAL A 65 -26.59 2.92 30.41
N SER A 66 -26.74 2.37 31.64
CA SER A 66 -26.62 3.19 32.85
C SER A 66 -26.35 2.45 34.15
N PRO A 67 -26.95 1.30 34.57
CA PRO A 67 -26.71 0.77 35.91
C PRO A 67 -25.37 0.03 35.93
N GLY A 68 -24.38 0.79 36.39
CA GLY A 68 -22.98 0.40 36.38
C GLY A 68 -22.41 1.14 35.17
N GLY A 69 -22.79 0.52 34.04
CA GLY A 69 -22.58 0.95 32.65
C GLY A 69 -21.45 1.91 32.26
N ASN A 70 -20.66 1.47 31.28
CA ASN A 70 -19.50 2.25 30.81
C ASN A 70 -19.98 3.48 30.07
N ALA A 71 -21.03 3.31 29.24
CA ALA A 71 -21.74 4.44 28.65
C ALA A 71 -22.75 4.78 29.74
N TYR A 72 -22.41 5.86 30.42
CA TYR A 72 -23.05 6.42 31.59
C TYR A 72 -23.70 7.79 31.32
N GLY A 73 -24.15 8.18 30.12
CA GLY A 73 -24.85 9.46 29.95
C GLY A 73 -24.18 10.45 29.02
N GLU A 74 -24.64 11.69 29.05
CA GLU A 74 -24.20 12.77 28.15
C GLU A 74 -22.75 12.96 27.66
N GLU A 75 -21.70 12.58 28.39
CA GLU A 75 -20.36 12.67 27.84
C GLU A 75 -19.97 11.26 27.44
N MET A 76 -20.48 10.23 28.11
CA MET A 76 -20.07 8.86 27.85
C MET A 76 -20.72 8.17 26.67
N THR A 77 -22.04 8.18 26.63
CA THR A 77 -22.77 7.62 25.51
C THR A 77 -22.37 8.32 24.18
N ALA A 78 -22.02 9.60 24.26
CA ALA A 78 -21.48 10.31 23.12
C ALA A 78 -20.16 9.65 22.66
N THR A 79 -19.31 9.24 23.62
CA THR A 79 -18.03 8.65 23.30
C THR A 79 -18.12 7.23 22.79
N CYS A 80 -19.17 6.55 23.20
CA CYS A 80 -19.40 5.25 22.66
C CYS A 80 -19.78 5.39 21.20
N LEU A 81 -20.56 6.41 20.78
CA LEU A 81 -20.93 6.48 19.39
C LEU A 81 -19.78 7.05 18.60
N ARG A 82 -18.88 7.80 19.24
CA ARG A 82 -17.63 8.25 18.61
C ARG A 82 -16.76 7.09 18.08
N ASP A 83 -16.62 6.09 18.95
CA ASP A 83 -15.82 4.94 18.66
C ASP A 83 -16.40 4.16 17.51
N LEU A 84 -17.72 4.26 17.34
CA LEU A 84 -18.43 3.63 16.22
C LEU A 84 -18.13 4.37 14.91
N ASP A 85 -17.88 5.67 14.98
CA ASP A 85 -17.55 6.45 13.82
C ASP A 85 -16.09 6.22 13.47
N TYR A 86 -15.24 6.01 14.47
CA TYR A 86 -13.86 5.63 14.24
C TYR A 86 -13.92 4.30 13.48
N TYR A 87 -14.58 3.20 13.87
CA TYR A 87 -14.54 2.00 13.05
C TYR A 87 -15.29 2.14 11.73
N LEU A 88 -16.31 3.01 11.53
CA LEU A 88 -16.94 3.16 10.22
C LEU A 88 -15.89 3.73 9.29
N ARG A 89 -15.17 4.74 9.74
CA ARG A 89 -14.15 5.33 8.90
C ARG A 89 -13.08 4.31 8.55
N LEU A 90 -12.59 3.46 9.44
CA LEU A 90 -11.57 2.49 9.08
C LEU A 90 -12.16 1.48 8.14
N VAL A 91 -13.46 1.25 8.12
CA VAL A 91 -14.00 0.26 7.18
C VAL A 91 -14.05 0.79 5.74
N THR A 92 -14.20 2.08 5.45
CA THR A 92 -14.28 2.58 4.08
C THR A 92 -12.89 2.52 3.42
N TYR A 93 -11.90 2.85 4.27
CA TYR A 93 -10.45 2.77 4.03
C TYR A 93 -10.07 1.38 3.56
N GLY A 94 -10.49 0.38 4.29
CA GLY A 94 -10.28 -1.02 3.97
C GLY A 94 -10.87 -1.39 2.63
N ILE A 95 -12.11 -1.02 2.31
CA ILE A 95 -12.81 -1.37 1.07
C ILE A 95 -12.10 -0.82 -0.14
N VAL A 96 -11.66 0.42 -0.15
CA VAL A 96 -10.95 0.96 -1.29
C VAL A 96 -9.53 0.39 -1.43
N SER A 97 -9.00 -0.21 -0.35
CA SER A 97 -7.69 -0.81 -0.36
C SER A 97 -7.73 -2.27 -0.74
N GLY A 98 -8.85 -2.94 -0.62
CA GLY A 98 -8.91 -4.35 -0.87
C GLY A 98 -8.09 -5.03 0.19
N ASP A 99 -8.05 -4.47 1.39
CA ASP A 99 -7.14 -4.93 2.40
C ASP A 99 -7.53 -4.51 3.79
N VAL A 100 -7.48 -5.47 4.70
CA VAL A 100 -7.78 -5.26 6.11
C VAL A 100 -6.66 -4.62 6.92
N THR A 101 -5.49 -4.46 6.33
CA THR A 101 -4.33 -3.89 6.97
C THR A 101 -4.57 -2.47 7.53
N PRO A 102 -5.20 -1.43 6.96
CA PRO A 102 -5.43 -0.14 7.62
C PRO A 102 -6.45 -0.27 8.74
N ILE A 103 -7.34 -1.24 8.79
CA ILE A 103 -8.24 -1.44 9.91
C ILE A 103 -7.40 -2.04 11.04
N GLU A 104 -6.59 -3.11 10.82
CA GLU A 104 -5.68 -3.78 11.77
C GLU A 104 -4.74 -2.81 12.47
N GLU A 105 -3.93 -2.06 11.77
CA GLU A 105 -2.97 -1.12 12.31
C GLU A 105 -3.50 0.04 13.18
N ILE A 106 -4.63 0.57 12.71
CA ILE A 106 -5.19 1.73 13.36
C ILE A 106 -6.14 1.33 14.42
N GLY A 107 -6.83 0.22 14.30
CA GLY A 107 -7.80 -0.07 15.34
C GLY A 107 -7.96 -1.49 15.81
N LEU A 108 -7.09 -2.45 15.49
CA LEU A 108 -7.32 -3.81 15.93
C LEU A 108 -6.14 -4.42 16.65
N VAL A 109 -4.96 -3.84 16.46
CA VAL A 109 -3.80 -4.35 17.15
C VAL A 109 -3.82 -3.60 18.47
N GLY A 110 -3.94 -4.35 19.53
CA GLY A 110 -4.01 -3.73 20.84
C GLY A 110 -5.42 -3.30 21.25
N VAL A 111 -6.49 -3.76 20.60
CA VAL A 111 -7.82 -3.27 20.89
C VAL A 111 -8.29 -3.87 22.22
N ARG A 112 -7.86 -5.11 22.57
CA ARG A 112 -8.24 -5.74 23.83
C ARG A 112 -7.55 -5.12 25.03
N GLU A 113 -6.27 -4.78 24.93
CA GLU A 113 -5.54 -4.15 26.00
C GLU A 113 -6.19 -2.82 26.31
N MET A 114 -6.48 -2.00 25.31
CA MET A 114 -7.07 -0.68 25.46
C MET A 114 -8.45 -0.79 26.07
N TYR A 115 -9.36 -1.66 25.61
CA TYR A 115 -10.70 -1.68 26.17
C TYR A 115 -10.70 -2.29 27.58
N LYS A 116 -9.91 -3.31 27.94
CA LYS A 116 -9.80 -3.79 29.31
C LYS A 116 -9.22 -2.69 30.19
N SER A 117 -8.35 -1.79 29.70
CA SER A 117 -7.89 -0.66 30.49
C SER A 117 -9.14 0.16 30.78
N LEU A 118 -9.84 0.75 29.80
CA LEU A 118 -10.97 1.63 30.04
C LEU A 118 -12.18 0.97 30.71
N GLY A 119 -12.21 -0.34 30.74
CA GLY A 119 -13.27 -1.07 31.37
C GLY A 119 -14.43 -1.33 30.44
N THR A 120 -14.22 -1.10 29.16
CA THR A 120 -15.25 -1.27 28.13
C THR A 120 -15.32 -2.76 27.78
N PRO A 121 -16.49 -3.40 27.71
CA PRO A 121 -16.60 -4.76 27.19
C PRO A 121 -16.50 -4.82 25.67
N ILE A 122 -15.62 -5.68 25.18
CA ILE A 122 -15.35 -5.73 23.77
C ILE A 122 -16.41 -6.48 22.95
N SER A 123 -17.17 -7.39 23.55
CA SER A 123 -18.31 -8.08 22.91
C SER A 123 -19.40 -7.12 22.46
N ALA A 124 -19.41 -6.02 23.21
CA ALA A 124 -20.31 -4.90 23.04
C ALA A 124 -19.86 -3.94 21.96
N VAL A 125 -18.56 -3.85 21.76
CA VAL A 125 -18.10 -3.08 20.63
C VAL A 125 -18.28 -3.98 19.42
N ALA A 126 -18.00 -5.29 19.45
CA ALA A 126 -18.21 -6.15 18.31
C ALA A 126 -19.67 -6.07 17.87
N GLU A 127 -20.61 -6.11 18.85
CA GLU A 127 -22.06 -6.05 18.62
C GLU A 127 -22.42 -4.71 18.00
N GLY A 128 -21.75 -3.63 18.37
CA GLY A 128 -22.02 -2.34 17.78
C GLY A 128 -21.73 -2.38 16.26
N VAL A 129 -20.59 -2.96 15.88
CA VAL A 129 -20.15 -2.99 14.50
C VAL A 129 -21.02 -3.91 13.69
N LYS A 130 -21.60 -4.90 14.35
CA LYS A 130 -22.53 -5.83 13.72
C LYS A 130 -23.84 -5.07 13.45
N CYS A 131 -24.18 -4.06 14.27
CA CYS A 131 -25.37 -3.28 14.05
C CYS A 131 -25.12 -2.23 12.96
N MET A 132 -23.98 -1.55 12.84
CA MET A 132 -23.70 -0.64 11.73
C MET A 132 -23.71 -1.40 10.39
N LYS A 133 -23.31 -2.68 10.40
CA LYS A 133 -23.31 -3.57 9.25
C LYS A 133 -24.70 -3.63 8.62
N SER A 134 -25.71 -3.91 9.43
CA SER A 134 -27.10 -4.06 9.01
C SER A 134 -27.64 -2.79 8.36
N VAL A 135 -27.41 -1.67 9.05
CA VAL A 135 -27.81 -0.36 8.59
C VAL A 135 -27.09 -0.01 7.29
N ALA A 136 -26.03 -0.74 6.91
CA ALA A 136 -25.30 -0.46 5.68
C ALA A 136 -25.72 -1.41 4.59
N SER A 137 -25.95 -2.66 4.95
CA SER A 137 -26.42 -3.65 4.01
C SER A 137 -27.83 -3.29 3.56
N SER A 138 -28.50 -2.25 4.12
CA SER A 138 -29.83 -1.86 3.68
C SER A 138 -29.74 -0.82 2.56
N LEU A 139 -28.83 0.08 2.80
CA LEU A 139 -28.48 1.12 1.89
C LEU A 139 -27.65 0.60 0.70
N LEU A 140 -27.38 -0.71 0.52
CA LEU A 140 -26.44 -1.19 -0.49
C LEU A 140 -27.00 -2.39 -1.24
N SER A 141 -26.90 -2.51 -2.58
CA SER A 141 -27.54 -3.64 -3.27
C SER A 141 -26.68 -4.83 -3.64
N GLY A 142 -27.31 -6.00 -3.72
CA GLY A 142 -26.75 -7.26 -4.19
C GLY A 142 -25.28 -7.57 -3.98
N GLU A 143 -24.37 -7.10 -4.84
CA GLU A 143 -22.95 -7.42 -4.77
C GLU A 143 -22.17 -6.34 -4.01
N ASP A 144 -22.54 -5.05 -4.03
CA ASP A 144 -21.89 -3.99 -3.22
C ASP A 144 -22.02 -4.28 -1.73
N SER A 145 -23.12 -4.98 -1.42
CA SER A 145 -23.48 -5.25 -0.06
C SER A 145 -22.79 -6.48 0.44
N ALA A 146 -22.50 -7.42 -0.44
CA ALA A 146 -21.75 -8.61 -0.04
C ALA A 146 -20.29 -8.26 0.27
N GLU A 147 -19.78 -7.26 -0.46
CA GLU A 147 -18.44 -6.73 -0.38
C GLU A 147 -18.21 -5.81 0.81
N ALA A 148 -19.04 -4.81 1.06
CA ALA A 148 -18.84 -3.99 2.24
C ALA A 148 -18.84 -4.87 3.50
N GLY A 149 -19.73 -5.86 3.47
CA GLY A 149 -19.97 -6.80 4.54
C GLY A 149 -18.81 -7.69 4.85
N PHE A 150 -17.93 -8.03 3.87
CA PHE A 150 -16.72 -8.84 4.14
C PHE A 150 -15.85 -8.03 5.11
N TYR A 151 -15.79 -6.73 4.92
CA TYR A 151 -14.97 -5.89 5.74
C TYR A 151 -15.62 -5.61 7.09
N PHE A 152 -16.96 -5.55 7.28
CA PHE A 152 -17.56 -5.34 8.61
C PHE A 152 -17.41 -6.57 9.51
N ASP A 153 -17.60 -7.74 8.96
CA ASP A 153 -17.46 -9.04 9.61
C ASP A 153 -16.02 -9.39 10.05
N TYR A 154 -14.99 -8.89 9.36
CA TYR A 154 -13.61 -9.06 9.79
C TYR A 154 -13.33 -8.25 11.08
N VAL A 155 -13.80 -7.01 11.09
CA VAL A 155 -13.60 -6.12 12.21
C VAL A 155 -14.27 -6.71 13.43
N VAL A 156 -15.51 -7.21 13.27
CA VAL A 156 -16.31 -7.76 14.36
C VAL A 156 -15.59 -8.97 14.95
N GLY A 157 -15.11 -9.82 14.06
CA GLY A 157 -14.46 -11.08 14.42
C GLY A 157 -13.07 -10.94 15.04
N ALA A 158 -12.38 -9.83 14.84
CA ALA A 158 -11.13 -9.57 15.51
C ALA A 158 -11.28 -9.00 16.94
N MET A 159 -12.55 -8.75 17.30
CA MET A 159 -13.03 -8.22 18.57
C MET A 159 -13.63 -9.19 19.58
N GLN A 160 -13.46 -10.49 19.45
CA GLN A 160 -13.91 -11.46 20.43
C GLN A 160 -13.12 -12.75 20.25
N MET B 1 6.42 2.29 4.10
CA MET B 1 6.44 1.48 2.90
C MET B 1 4.99 1.64 2.54
N GLN B 2 4.79 2.59 1.64
CA GLN B 2 3.45 2.87 1.16
C GLN B 2 3.39 3.10 -0.35
N ASP B 3 2.30 2.64 -0.94
CA ASP B 3 1.99 2.91 -2.32
C ASP B 3 1.08 4.12 -2.41
N ALA B 4 0.60 4.58 -3.58
CA ALA B 4 -0.28 5.73 -3.69
C ALA B 4 -1.59 5.65 -2.87
N ILE B 5 -2.24 4.47 -2.81
CA ILE B 5 -3.48 4.20 -2.11
C ILE B 5 -3.30 4.34 -0.63
N THR B 6 -2.35 3.70 0.06
CA THR B 6 -2.24 3.92 1.50
C THR B 6 -1.70 5.30 1.80
N SER B 7 -0.99 5.96 0.90
CA SER B 7 -0.50 7.31 1.16
C SER B 7 -1.68 8.22 1.43
N VAL B 8 -2.76 8.06 0.66
CA VAL B 8 -3.96 8.89 0.78
C VAL B 8 -4.74 8.55 2.07
N ILE B 9 -4.92 7.26 2.33
CA ILE B 9 -5.56 6.76 3.53
C ILE B 9 -4.88 7.28 4.80
N ASN B 10 -3.56 7.37 4.90
CA ASN B 10 -2.92 7.80 6.14
C ASN B 10 -3.09 9.27 6.33
N SER B 11 -2.87 10.03 5.26
CA SER B 11 -3.09 11.48 5.25
C SER B 11 -4.50 11.83 5.71
N SER B 12 -5.46 10.96 5.47
CA SER B 12 -6.83 11.12 5.93
C SER B 12 -6.92 10.87 7.42
N ASP B 13 -6.35 9.76 7.83
CA ASP B 13 -6.33 9.29 9.18
C ASP B 13 -5.60 10.17 10.17
N VAL B 14 -4.53 10.89 9.89
CA VAL B 14 -3.97 11.82 10.88
C VAL B 14 -4.81 13.07 11.12
N GLN B 15 -5.88 13.17 10.35
CA GLN B 15 -6.80 14.28 10.44
C GLN B 15 -8.18 13.80 10.93
N GLY B 16 -8.34 12.48 11.01
CA GLY B 16 -9.55 11.82 11.45
C GLY B 16 -10.68 12.07 10.50
N LYS B 17 -10.27 12.24 9.23
CA LYS B 17 -11.18 12.55 8.15
C LYS B 17 -11.46 11.38 7.25
N TYR B 18 -12.75 11.23 6.96
CA TYR B 18 -13.26 10.35 5.89
C TYR B 18 -12.69 10.77 4.52
N LEU B 19 -12.79 9.92 3.50
CA LEU B 19 -12.19 10.25 2.20
C LEU B 19 -13.09 11.23 1.49
N ASP B 20 -12.54 12.39 1.36
CA ASP B 20 -13.18 13.49 0.67
C ASP B 20 -12.96 13.49 -0.86
N SER B 21 -13.59 14.39 -1.63
CA SER B 21 -13.52 14.42 -3.09
C SER B 21 -12.10 14.52 -3.63
N SER B 22 -11.29 15.29 -2.91
CA SER B 22 -9.90 15.45 -3.23
C SER B 22 -9.09 14.16 -3.11
N ALA B 23 -9.48 13.37 -2.13
CA ALA B 23 -8.79 12.12 -1.86
C ALA B 23 -9.26 11.12 -2.90
N ILE B 24 -10.57 11.12 -3.21
CA ILE B 24 -11.19 10.27 -4.26
C ILE B 24 -10.58 10.58 -5.64
N GLU B 25 -10.24 11.84 -5.87
CA GLU B 25 -9.58 12.27 -7.08
C GLU B 25 -8.23 11.61 -7.24
N LYS B 26 -7.38 11.73 -6.24
CA LYS B 26 -6.04 11.15 -6.28
C LYS B 26 -6.09 9.64 -6.44
N LEU B 27 -7.10 9.03 -5.83
CA LEU B 27 -7.35 7.61 -5.85
C LEU B 27 -7.75 7.11 -7.21
N LYS B 28 -8.76 7.74 -7.83
CA LYS B 28 -9.17 7.37 -9.18
C LYS B 28 -8.02 7.59 -10.17
N GLY B 29 -7.18 8.61 -9.99
CA GLY B 29 -6.00 8.86 -10.82
C GLY B 29 -4.99 7.68 -10.82
N TYR B 30 -4.81 6.93 -9.70
CA TYR B 30 -3.94 5.77 -9.66
C TYR B 30 -4.65 4.66 -10.39
N PHE B 31 -5.89 4.37 -10.03
CA PHE B 31 -6.65 3.28 -10.61
C PHE B 31 -6.76 3.38 -12.10
N GLN B 32 -6.70 4.60 -12.64
CA GLN B 32 -6.67 4.84 -14.07
C GLN B 32 -5.34 4.44 -14.74
N THR B 33 -4.19 4.82 -14.14
CA THR B 33 -2.85 4.46 -14.62
C THR B 33 -2.45 3.02 -14.23
N GLY B 34 -3.30 2.35 -13.47
CA GLY B 34 -3.08 1.00 -13.00
C GLY B 34 -2.79 0.03 -14.11
N GLU B 35 -3.58 -0.13 -15.18
CA GLU B 35 -3.29 -1.17 -16.16
C GLU B 35 -1.99 -0.91 -16.92
N LEU B 36 -1.67 0.36 -17.02
CA LEU B 36 -0.44 0.85 -17.58
C LEU B 36 0.73 0.26 -16.81
N ARG B 37 0.67 0.33 -15.47
CA ARG B 37 1.73 -0.15 -14.58
C ARG B 37 1.87 -1.66 -14.70
N VAL B 38 0.81 -2.48 -14.60
CA VAL B 38 0.98 -3.92 -14.69
C VAL B 38 1.69 -4.39 -15.99
N ARG B 39 1.40 -3.76 -17.14
CA ARG B 39 1.95 -4.09 -18.46
C ARG B 39 3.42 -3.75 -18.53
N ALA B 40 3.85 -2.53 -18.21
CA ALA B 40 5.26 -2.14 -18.17
C ALA B 40 6.09 -2.99 -17.24
N ALA B 41 5.43 -3.46 -16.20
CA ALA B 41 6.00 -4.29 -15.17
C ALA B 41 6.35 -5.66 -15.66
N THR B 42 5.46 -6.19 -16.51
CA THR B 42 5.68 -7.47 -17.15
C THR B 42 6.80 -7.36 -18.17
N THR B 43 6.79 -6.32 -18.97
CA THR B 43 7.77 -6.11 -20.02
C THR B 43 9.20 -6.07 -19.47
N ILE B 44 9.42 -5.53 -18.25
CA ILE B 44 10.72 -5.48 -17.57
C ILE B 44 11.06 -6.86 -17.07
N ALA B 45 10.24 -7.56 -16.26
CA ALA B 45 10.49 -8.93 -15.86
C ALA B 45 10.93 -9.87 -16.98
N ALA B 46 10.26 -9.67 -18.11
CA ALA B 46 10.48 -10.44 -19.33
C ALA B 46 11.82 -10.13 -19.94
N ASN B 47 12.27 -8.87 -19.87
CA ASN B 47 13.52 -8.39 -20.46
C ASN B 47 14.59 -8.03 -19.44
N ALA B 48 14.52 -8.61 -18.25
CA ALA B 48 15.42 -8.25 -17.17
C ALA B 48 16.88 -8.60 -17.46
N ALA B 49 17.17 -9.91 -17.70
CA ALA B 49 18.55 -10.39 -17.95
C ALA B 49 19.29 -9.66 -19.06
N ASN B 50 18.45 -9.25 -20.00
CA ASN B 50 18.75 -8.53 -21.21
C ASN B 50 19.00 -7.02 -21.03
N ILE B 51 18.19 -6.19 -20.34
CA ILE B 51 18.41 -4.75 -20.06
C ILE B 51 19.80 -4.47 -19.42
N ILE B 52 20.12 -5.42 -18.54
CA ILE B 52 21.33 -5.46 -17.75
C ILE B 52 22.53 -5.81 -18.63
N LYS B 53 22.48 -6.83 -19.50
CA LYS B 53 23.57 -7.18 -20.41
C LYS B 53 23.92 -5.99 -21.29
N GLU B 54 22.89 -5.30 -21.84
CA GLU B 54 23.06 -4.13 -22.70
C GLU B 54 23.58 -2.89 -21.98
N ALA B 55 23.15 -2.68 -20.74
CA ALA B 55 23.55 -1.55 -19.92
C ALA B 55 25.00 -1.70 -19.48
N VAL B 56 25.40 -2.94 -19.22
CA VAL B 56 26.77 -3.21 -18.81
C VAL B 56 27.73 -3.00 -19.97
N ALA B 57 27.30 -3.49 -21.12
CA ALA B 57 28.04 -3.39 -22.35
C ALA B 57 28.28 -1.98 -22.68
N LYS B 58 27.25 -1.15 -22.53
CA LYS B 58 27.39 0.24 -22.88
C LYS B 58 28.24 1.02 -21.94
N SER B 59 28.21 0.71 -20.65
CA SER B 59 28.97 1.55 -19.72
C SER B 59 30.20 1.01 -19.02
N LEU B 60 30.08 -0.23 -18.56
CA LEU B 60 31.09 -0.80 -17.69
C LEU B 60 32.22 -1.58 -18.34
N LEU B 61 31.87 -2.42 -19.35
CA LEU B 61 32.84 -3.30 -20.03
C LEU B 61 34.01 -2.65 -20.76
N TYR B 62 35.00 -3.53 -20.97
CA TYR B 62 36.30 -3.25 -21.55
C TYR B 62 36.94 -1.99 -21.04
N SER B 63 36.80 -1.73 -19.76
CA SER B 63 37.33 -0.53 -19.16
C SER B 63 38.33 -0.88 -18.05
N ASP B 64 38.80 0.13 -17.31
CA ASP B 64 39.72 -0.03 -16.20
C ASP B 64 39.09 -0.84 -15.07
N ILE B 65 37.79 -0.68 -14.88
CA ILE B 65 37.00 -1.31 -13.80
C ILE B 65 36.98 -2.84 -13.93
N THR B 66 37.12 -3.41 -15.11
CA THR B 66 37.11 -4.86 -15.37
C THR B 66 38.50 -5.50 -15.46
N ARG B 67 39.50 -4.64 -15.49
CA ARG B 67 40.89 -5.10 -15.59
C ARG B 67 41.48 -5.20 -14.20
N PRO B 68 42.55 -6.00 -13.98
CA PRO B 68 43.09 -6.18 -12.64
C PRO B 68 43.35 -4.90 -11.89
N GLY B 69 42.87 -4.97 -10.65
CA GLY B 69 42.94 -3.91 -9.66
C GLY B 69 41.70 -3.04 -9.71
N GLY B 70 40.71 -3.32 -10.59
CA GLY B 70 39.43 -2.59 -10.71
C GLY B 70 38.31 -3.24 -9.89
N ASN B 71 37.29 -2.47 -9.43
CA ASN B 71 36.32 -3.01 -8.49
C ASN B 71 35.43 -4.05 -9.09
N MET B 72 35.40 -4.18 -10.41
CA MET B 72 34.64 -5.23 -11.04
C MET B 72 35.47 -6.46 -11.48
N TYR B 73 36.79 -6.39 -11.27
CA TYR B 73 37.67 -7.53 -11.51
C TYR B 73 37.42 -8.52 -10.39
N THR B 74 37.49 -9.77 -10.83
CA THR B 74 37.31 -11.09 -10.23
C THR B 74 35.88 -11.47 -10.58
N THR B 75 35.60 -12.74 -10.66
CA THR B 75 34.25 -13.14 -10.97
C THR B 75 33.25 -12.75 -9.86
N ARG B 76 33.66 -12.88 -8.59
CA ARG B 76 32.89 -12.55 -7.42
C ARG B 76 32.41 -11.11 -7.45
N ARG B 77 33.26 -10.21 -7.91
CA ARG B 77 32.89 -8.82 -7.97
C ARG B 77 32.11 -8.47 -9.23
N TYR B 78 32.30 -9.21 -10.33
CA TYR B 78 31.50 -8.98 -11.50
C TYR B 78 30.15 -9.48 -11.11
N ALA B 79 29.98 -10.65 -10.54
CA ALA B 79 28.65 -11.14 -10.23
C ALA B 79 27.92 -10.33 -9.17
N ALA B 80 28.64 -9.67 -8.23
CA ALA B 80 28.06 -8.87 -7.16
C ALA B 80 27.63 -7.53 -7.67
N CYS B 81 28.26 -7.08 -8.75
CA CYS B 81 27.84 -5.86 -9.42
C CYS B 81 26.58 -5.99 -10.29
N ILE B 82 26.39 -7.02 -11.16
CA ILE B 82 25.15 -7.14 -11.91
C ILE B 82 23.99 -7.54 -10.98
N ARG B 83 24.29 -7.96 -9.73
CA ARG B 83 23.36 -8.33 -8.69
C ARG B 83 22.83 -7.00 -8.24
N ASP B 84 23.69 -6.05 -7.92
CA ASP B 84 23.24 -4.70 -7.62
C ASP B 84 22.39 -4.12 -8.72
N LEU B 85 22.78 -4.21 -9.99
CA LEU B 85 21.97 -3.77 -11.11
C LEU B 85 20.60 -4.42 -11.16
N ASP B 86 20.52 -5.68 -10.76
CA ASP B 86 19.27 -6.37 -10.71
C ASP B 86 18.40 -5.72 -9.62
N TYR B 87 19.01 -5.38 -8.47
CA TYR B 87 18.34 -4.79 -7.33
C TYR B 87 17.82 -3.47 -7.82
N TYR B 88 18.57 -2.55 -8.40
CA TYR B 88 18.07 -1.27 -8.89
C TYR B 88 16.86 -1.34 -9.82
N LEU B 89 16.90 -2.25 -10.79
CA LEU B 89 15.83 -2.43 -11.77
C LEU B 89 14.59 -3.04 -11.18
N ARG B 90 14.72 -4.03 -10.31
CA ARG B 90 13.60 -4.70 -9.69
C ARG B 90 12.84 -3.78 -8.76
N TYR B 91 13.58 -2.94 -8.02
CA TYR B 91 13.00 -1.99 -7.09
C TYR B 91 12.43 -0.75 -7.73
N ALA B 92 12.90 -0.36 -8.92
CA ALA B 92 12.36 0.79 -9.63
C ALA B 92 11.05 0.34 -10.26
N THR B 93 10.95 -0.87 -10.74
CA THR B 93 9.71 -1.44 -11.23
C THR B 93 8.65 -1.54 -10.11
N TYR B 94 9.06 -1.87 -8.88
CA TYR B 94 8.22 -1.97 -7.67
C TYR B 94 7.59 -0.65 -7.31
N ALA B 95 8.41 0.37 -7.33
CA ALA B 95 7.99 1.71 -7.00
C ALA B 95 7.10 2.32 -8.07
N MET B 96 7.18 1.81 -9.27
CA MET B 96 6.30 2.29 -10.31
C MET B 96 4.98 1.57 -10.22
N LEU B 97 5.01 0.29 -9.91
CA LEU B 97 3.81 -0.52 -9.75
C LEU B 97 3.07 0.02 -8.57
N ALA B 98 3.81 0.57 -7.58
CA ALA B 98 3.26 1.19 -6.38
C ALA B 98 2.79 2.61 -6.52
N GLY B 99 3.37 3.36 -7.43
CA GLY B 99 3.06 4.74 -7.62
C GLY B 99 3.85 5.64 -6.70
N ASP B 100 4.81 5.15 -5.93
CA ASP B 100 5.41 5.93 -4.84
C ASP B 100 6.87 5.54 -4.56
N PRO B 101 7.81 6.45 -4.28
CA PRO B 101 9.22 6.13 -4.12
C PRO B 101 9.69 5.66 -2.74
N SER B 102 8.79 5.36 -1.81
CA SER B 102 9.20 5.06 -0.45
C SER B 102 9.80 3.68 -0.30
N ILE B 103 9.52 2.67 -1.14
CA ILE B 103 10.22 1.37 -1.08
C ILE B 103 11.70 1.59 -1.38
N LEU B 104 12.06 2.63 -2.16
CA LEU B 104 13.43 2.90 -2.57
C LEU B 104 14.18 3.66 -1.49
N ASP B 105 13.52 4.54 -0.73
CA ASP B 105 14.18 5.24 0.36
C ASP B 105 14.42 4.28 1.50
N GLU B 106 13.45 3.36 1.62
CA GLU B 106 13.44 2.31 2.62
C GLU B 106 14.39 1.15 2.44
N ARG B 107 14.28 0.43 1.34
CA ARG B 107 14.98 -0.85 1.35
C ARG B 107 16.20 -0.83 0.41
N VAL B 108 16.37 0.27 -0.34
CA VAL B 108 17.52 0.39 -1.31
C VAL B 108 18.58 1.47 -0.97
N LEU B 109 18.16 2.74 -0.96
CA LEU B 109 19.09 3.91 -0.69
C LEU B 109 19.40 4.13 0.79
N ASN B 110 18.76 3.44 1.76
CA ASN B 110 19.03 3.59 3.19
C ASN B 110 20.52 3.33 3.56
N GLY B 111 21.29 4.40 3.49
CA GLY B 111 22.73 4.42 3.80
C GLY B 111 23.64 3.69 2.81
N LEU B 112 23.25 3.60 1.53
CA LEU B 112 24.03 2.94 0.48
C LEU B 112 25.26 3.73 0.12
N LYS B 113 25.23 5.06 0.11
CA LYS B 113 26.36 5.87 -0.31
C LYS B 113 27.55 5.63 0.66
N GLU B 114 27.19 5.41 1.94
CA GLU B 114 28.09 5.08 3.04
C GLU B 114 28.73 3.72 2.78
N THR B 115 27.96 2.68 2.42
CA THR B 115 28.45 1.33 2.09
C THR B 115 29.38 1.30 0.88
N TYR B 116 29.04 2.09 -0.10
CA TYR B 116 29.80 2.24 -1.30
C TYR B 116 31.11 2.99 -1.06
N ASN B 117 31.13 4.05 -0.28
CA ASN B 117 32.39 4.67 0.06
C ASN B 117 33.25 3.81 0.98
N SER B 118 32.67 2.86 1.72
CA SER B 118 33.40 1.93 2.57
C SER B 118 34.10 0.79 1.81
N LEU B 119 33.36 0.01 1.01
CA LEU B 119 33.89 -1.09 0.23
C LEU B 119 34.76 -0.61 -0.91
N GLY B 120 34.61 0.66 -1.24
CA GLY B 120 35.39 1.29 -2.29
C GLY B 120 34.76 1.14 -3.68
N VAL B 121 33.43 1.10 -3.73
CA VAL B 121 32.68 0.97 -4.98
C VAL B 121 32.50 2.29 -5.77
N PRO B 122 32.81 2.46 -7.08
CA PRO B 122 32.66 3.74 -7.74
C PRO B 122 31.20 4.10 -7.98
N ILE B 123 30.73 5.14 -7.31
CA ILE B 123 29.36 5.61 -7.44
C ILE B 123 29.13 6.19 -8.84
N GLY B 124 30.08 6.93 -9.42
CA GLY B 124 29.94 7.56 -10.74
C GLY B 124 29.74 6.55 -11.87
N ALA B 125 30.44 5.44 -11.82
CA ALA B 125 30.25 4.39 -12.81
C ALA B 125 28.94 3.58 -12.63
N THR B 126 28.38 3.69 -11.44
CA THR B 126 27.13 3.05 -11.12
C THR B 126 26.08 3.99 -11.65
N ILE B 127 26.09 5.30 -11.35
CA ILE B 127 25.10 6.22 -11.90
C ILE B 127 25.18 6.12 -13.41
N GLN B 128 26.38 5.94 -14.00
CA GLN B 128 26.54 5.71 -15.42
C GLN B 128 25.80 4.48 -15.89
N ALA B 129 25.92 3.40 -15.14
CA ALA B 129 25.27 2.18 -15.48
C ALA B 129 23.77 2.33 -15.30
N ILE B 130 23.24 3.16 -14.36
CA ILE B 130 21.80 3.25 -14.14
C ILE B 130 21.14 4.11 -15.19
N GLN B 131 21.82 5.17 -15.63
CA GLN B 131 21.35 6.04 -16.68
C GLN B 131 21.24 5.23 -17.96
N ALA B 132 22.10 4.24 -18.20
CA ALA B 132 21.98 3.44 -19.42
C ALA B 132 20.83 2.49 -19.33
N MET B 133 20.64 1.96 -18.12
CA MET B 133 19.52 1.11 -17.79
C MET B 133 18.21 1.88 -17.94
N LYS B 134 18.27 3.19 -17.68
CA LYS B 134 17.17 4.12 -17.88
C LYS B 134 16.88 4.21 -19.37
N GLU B 135 17.85 4.45 -20.26
CA GLU B 135 17.65 4.50 -21.71
C GLU B 135 17.09 3.18 -22.32
N VAL B 136 17.63 2.02 -21.97
CA VAL B 136 17.20 0.76 -22.55
C VAL B 136 15.79 0.50 -22.12
N THR B 137 15.40 0.69 -20.86
CA THR B 137 14.00 0.47 -20.46
C THR B 137 12.93 1.30 -21.13
N SER B 138 13.12 2.63 -21.16
CA SER B 138 12.19 3.54 -21.80
C SER B 138 11.99 3.20 -23.30
N GLY B 139 13.05 2.69 -23.96
CA GLY B 139 13.00 2.26 -25.34
C GLY B 139 12.57 0.79 -25.45
N LEU B 140 11.56 0.40 -24.66
CA LEU B 140 11.02 -0.96 -24.58
C LEU B 140 9.62 -0.94 -23.90
N VAL B 141 9.35 -0.02 -22.97
CA VAL B 141 8.03 0.06 -22.36
C VAL B 141 7.09 1.08 -23.02
N GLY B 142 7.70 1.94 -23.83
CA GLY B 142 6.99 2.99 -24.53
C GLY B 142 6.81 4.24 -23.67
N PRO B 143 6.32 5.35 -24.24
CA PRO B 143 6.45 6.72 -23.72
C PRO B 143 5.71 7.10 -22.43
N ASP B 144 4.51 6.50 -22.29
CA ASP B 144 3.56 6.75 -21.18
C ASP B 144 4.10 6.10 -19.91
N ALA B 145 4.56 4.87 -20.08
CA ALA B 145 5.14 4.06 -19.03
C ALA B 145 6.57 4.45 -18.68
N GLY B 146 7.25 5.07 -19.66
CA GLY B 146 8.63 5.57 -19.60
C GLY B 146 8.82 6.93 -18.89
N LYS B 147 7.91 7.93 -18.99
CA LYS B 147 8.07 9.15 -18.22
C LYS B 147 8.08 8.80 -16.74
N GLU B 148 7.16 7.91 -16.38
CA GLU B 148 6.95 7.41 -15.04
C GLU B 148 8.17 6.61 -14.54
N MET B 149 8.61 5.59 -15.26
CA MET B 149 9.73 4.72 -14.89
C MET B 149 11.05 5.47 -14.61
N GLY B 150 11.29 6.44 -15.49
CA GLY B 150 12.45 7.29 -15.44
C GLY B 150 12.52 7.99 -14.12
N LEU B 151 11.42 8.49 -13.55
CA LEU B 151 11.35 9.15 -12.24
C LEU B 151 12.05 8.34 -11.13
N TYR B 152 11.83 7.02 -11.17
CA TYR B 152 12.34 6.10 -10.16
C TYR B 152 13.81 5.78 -10.42
N PHE B 153 14.26 5.73 -11.69
CA PHE B 153 15.68 5.60 -11.98
C PHE B 153 16.36 6.88 -11.56
N ASP B 154 15.69 8.01 -11.77
CA ASP B 154 16.27 9.26 -11.41
C ASP B 154 16.37 9.43 -9.92
N TYR B 155 15.38 8.91 -9.18
CA TYR B 155 15.29 8.97 -7.71
C TYR B 155 16.47 8.19 -7.21
N ILE B 156 16.80 7.02 -7.80
CA ILE B 156 18.01 6.32 -7.37
C ILE B 156 19.26 7.21 -7.55
N CYS B 157 19.47 7.84 -8.71
CA CYS B 157 20.68 8.60 -8.99
C CYS B 157 20.91 9.71 -8.00
N SER B 158 19.86 10.44 -7.64
CA SER B 158 19.93 11.57 -6.69
C SER B 158 20.17 11.22 -5.23
N GLY B 159 19.90 9.96 -4.92
CA GLY B 159 20.20 9.45 -3.62
C GLY B 159 21.60 8.87 -3.58
N LEU B 160 22.28 8.72 -4.72
CA LEU B 160 23.64 8.22 -4.73
C LEU B 160 24.62 9.36 -4.88
N SER B 161 24.17 10.43 -5.52
CA SER B 161 24.96 11.62 -5.62
C SER B 161 24.76 12.57 -4.45
#